data_2KHO
#
_entry.id   2KHO
#
_cell.length_a   1.000
_cell.length_b   1.000
_cell.length_c   1.000
_cell.angle_alpha   90.00
_cell.angle_beta   90.00
_cell.angle_gamma   90.00
#
_symmetry.space_group_name_H-M   'P 1'
#
_entity_poly.entity_id   1
_entity_poly.type   'polypeptide(L)'
_entity_poly.pdbx_seq_one_letter_code
;MGKIIGIDLGTTNSCVAIMDGTTPRVLENAEGDRTTPSIIAYTQDGETLVGQPAKRQAVTNPQNTLFAIKRLIGRRFQDE
EVQRDVSIMPFKIIAADNGDAWVEVKGQKMAPPQISAEVLKKMKKTAEDYLGEPVTEAVITVPAYFNDAQRQATKDAGRI
AGLEVKRIINEPTAAALAYGLDKGTGNRTIAVYDLGGGTFDISIIEIDEVDGEKTFEVLATNGDTHLGGEDFDSRLINYL
VEEFKKDQGIDLRNDPLAMQRLKEAAEKAKIELSSAQQTDVNLPYITADATGPKHMNIKVTRAKLESLVEDLVNRSIEPL
KVALQDAGLSVSDIDDVILVGGQTRMPMVQKKVAEFFGKEPRKDVNPDEAVAIGAAVQGGVLTGDVKDVLLLDVTPLSLG
IETMGGVMTTLIAKNTTIPTKHSQVFSTAEDNQSAVTIHVLQGERKRAADNKSLGQFNLDGINPAPRGMPQIEVTFDIDA
DGILHVSAKDKNSGKEQKITIKASSGLNEDEIQKMVRDAEANAEADRKFDELVQTRNQGDHLLHSTRKQVEEAGDKLPAD
DKTAIESALTALETALKGEDKAAIEAKMQELAQVSQKLMEIAQQQ
;
_entity_poly.pdbx_strand_id   A
#
# COMPACT_ATOMS: atom_id res chain seq x y z
N ILE A 4 6.22 8.19 1.81
CA ILE A 4 6.18 7.17 0.73
C ILE A 4 6.56 7.80 -0.61
N ILE A 5 7.56 7.16 -1.33
CA ILE A 5 7.93 7.61 -2.68
C ILE A 5 7.37 6.61 -3.72
N GLY A 6 7.18 7.16 -4.99
CA GLY A 6 6.74 6.33 -6.10
C GLY A 6 7.93 5.97 -6.96
N ILE A 7 8.33 4.65 -6.89
CA ILE A 7 9.39 4.13 -7.75
C ILE A 7 8.71 3.31 -8.86
N ASP A 8 9.13 3.64 -10.15
CA ASP A 8 8.83 2.78 -11.26
C ASP A 8 10.11 1.97 -11.53
N LEU A 9 9.96 0.62 -11.30
CA LEU A 9 10.99 -0.37 -11.58
C LEU A 9 10.54 -0.98 -12.91
N GLY A 10 11.36 -0.69 -13.97
CA GLY A 10 11.12 -1.20 -15.30
C GLY A 10 11.98 -2.41 -15.65
N THR A 11 11.86 -2.79 -16.99
CA THR A 11 12.75 -3.79 -17.57
C THR A 11 14.08 -3.12 -17.97
N THR A 12 13.98 -2.01 -18.79
CA THR A 12 15.18 -1.35 -19.35
C THR A 12 15.53 -0.07 -18.59
N ASN A 13 14.47 0.63 -18.05
CA ASN A 13 14.59 2.03 -17.64
C ASN A 13 13.79 2.25 -16.34
N SER A 14 14.39 3.10 -15.43
CA SER A 14 13.81 3.39 -14.11
C SER A 14 13.58 4.88 -13.92
N CYS A 15 12.45 5.19 -13.20
CA CYS A 15 12.01 6.57 -12.94
C CYS A 15 11.27 6.57 -11.59
N VAL A 16 11.45 7.74 -10.87
CA VAL A 16 10.95 7.92 -9.51
C VAL A 16 10.21 9.27 -9.42
N ALA A 17 9.10 9.28 -8.57
CA ALA A 17 8.25 10.44 -8.44
C ALA A 17 7.59 10.57 -7.04
N ILE A 18 7.06 11.82 -6.82
CA ILE A 18 6.33 12.19 -5.59
C ILE A 18 5.16 13.14 -5.94
N MET A 19 4.21 13.24 -4.93
CA MET A 19 3.14 14.23 -5.01
C MET A 19 3.62 15.42 -4.19
N ASP A 20 3.69 16.59 -4.91
CA ASP A 20 4.11 17.86 -4.33
C ASP A 20 2.76 18.52 -3.98
N GLY A 21 2.30 18.15 -2.72
CA GLY A 21 0.99 18.52 -2.22
C GLY A 21 -0.01 17.56 -2.85
N THR A 22 -0.79 18.15 -3.82
CA THR A 22 -1.67 17.37 -4.69
C THR A 22 -1.05 17.16 -6.08
N THR A 23 0.07 17.90 -6.38
CA THR A 23 0.56 18.02 -7.75
C THR A 23 1.64 16.97 -7.97
N PRO A 24 1.61 16.20 -9.12
CA PRO A 24 2.67 15.23 -9.40
C PRO A 24 3.98 15.95 -9.71
N ARG A 25 5.09 15.39 -9.11
CA ARG A 25 6.45 15.85 -9.39
C ARG A 25 7.30 14.60 -9.64
N VAL A 26 8.04 14.69 -10.82
CA VAL A 26 8.88 13.60 -11.30
C VAL A 26 10.32 14.11 -11.14
N LEU A 27 11.13 13.22 -10.46
CA LEU A 27 12.41 13.64 -9.95
C LEU A 27 13.51 13.29 -10.95
N GLU A 28 14.74 13.84 -10.65
CA GLU A 28 15.89 13.77 -11.54
C GLU A 28 17.11 13.42 -10.70
N ASN A 29 17.96 12.51 -11.30
CA ASN A 29 19.12 11.94 -10.62
C ASN A 29 20.25 12.98 -10.53
N ALA A 30 21.31 12.61 -9.74
CA ALA A 30 22.39 13.58 -9.46
C ALA A 30 23.14 14.00 -10.73
N GLU A 31 23.12 13.06 -11.74
CA GLU A 31 23.67 13.28 -13.06
C GLU A 31 22.77 14.16 -13.96
N GLY A 32 21.51 14.45 -13.52
CA GLY A 32 20.56 15.24 -14.27
C GLY A 32 19.64 14.46 -15.21
N ASP A 33 19.60 13.09 -15.03
CA ASP A 33 18.70 12.23 -15.80
C ASP A 33 17.43 11.99 -14.94
N ARG A 34 16.25 11.84 -15.66
CA ARG A 34 14.97 11.54 -15.03
C ARG A 34 14.72 10.04 -15.10
N THR A 35 14.65 9.55 -16.39
CA THR A 35 14.44 8.14 -16.67
C THR A 35 15.87 7.62 -16.80
N THR A 36 16.28 6.81 -15.76
CA THR A 36 17.66 6.32 -15.61
C THR A 36 17.65 4.86 -16.12
N PRO A 37 18.75 4.38 -16.80
CA PRO A 37 18.80 2.99 -17.27
C PRO A 37 18.89 2.00 -16.10
N SER A 38 18.06 0.90 -16.20
CA SER A 38 18.01 -0.11 -15.14
C SER A 38 19.18 -1.11 -15.34
N ILE A 39 20.44 -0.53 -15.33
CA ILE A 39 21.67 -1.27 -15.61
C ILE A 39 22.56 -1.09 -14.37
N ILE A 40 23.17 -2.26 -13.96
CA ILE A 40 24.05 -2.35 -12.80
C ILE A 40 25.29 -3.09 -13.32
N ALA A 41 26.49 -2.52 -12.97
CA ALA A 41 27.75 -3.07 -13.46
C ALA A 41 28.76 -3.04 -12.32
N TYR A 42 29.41 -4.24 -12.14
CA TYR A 42 30.44 -4.43 -11.13
C TYR A 42 31.75 -4.30 -11.92
N THR A 43 32.45 -3.15 -11.68
CA THR A 43 33.67 -2.81 -12.42
C THR A 43 34.78 -3.72 -11.88
N GLN A 44 35.75 -4.08 -12.80
CA GLN A 44 36.60 -5.24 -12.54
C GLN A 44 37.41 -5.11 -11.24
N ASP A 45 37.79 -3.83 -10.91
CA ASP A 45 38.52 -3.49 -9.70
C ASP A 45 37.56 -3.02 -8.57
N GLY A 46 36.30 -3.60 -8.58
CA GLY A 46 35.46 -3.68 -7.40
C GLY A 46 34.31 -2.69 -7.27
N GLU A 47 34.35 -1.63 -8.14
CA GLU A 47 33.38 -0.54 -8.04
C GLU A 47 32.01 -1.06 -8.52
N THR A 48 30.96 -0.75 -7.69
CA THR A 48 29.56 -1.10 -8.01
C THR A 48 28.92 0.17 -8.56
N LEU A 49 28.67 0.13 -9.92
CA LEU A 49 28.11 1.26 -10.63
C LEU A 49 26.67 0.90 -11.07
N VAL A 50 25.86 2.01 -11.20
CA VAL A 50 24.44 1.92 -11.54
C VAL A 50 24.20 3.01 -12.59
N GLY A 51 23.32 2.65 -13.59
CA GLY A 51 22.76 3.63 -14.50
C GLY A 51 23.60 3.86 -15.75
N GLN A 52 23.70 5.20 -16.10
CA GLN A 52 24.51 5.65 -17.22
C GLN A 52 25.99 5.20 -17.06
N PRO A 53 26.66 5.38 -15.86
CA PRO A 53 28.04 4.89 -15.71
C PRO A 53 28.17 3.34 -15.62
N ALA A 54 26.98 2.64 -15.67
CA ALA A 54 26.93 1.20 -15.88
C ALA A 54 26.78 0.84 -17.37
N LYS A 55 26.00 1.69 -18.15
CA LYS A 55 25.94 1.53 -19.60
C LYS A 55 27.29 1.94 -20.23
N ARG A 56 27.83 3.13 -19.79
CA ARG A 56 28.97 3.74 -20.47
C ARG A 56 30.26 2.91 -20.52
N GLN A 57 30.29 1.82 -19.67
CA GLN A 57 31.42 0.89 -19.67
C GLN A 57 30.98 -0.53 -20.06
N ALA A 58 29.71 -0.67 -20.59
CA ALA A 58 29.08 -2.00 -20.69
C ALA A 58 29.76 -2.95 -21.69
N VAL A 59 30.55 -2.33 -22.64
CA VAL A 59 31.29 -3.08 -23.64
C VAL A 59 32.57 -3.68 -22.99
N THR A 60 33.03 -3.04 -21.86
CA THR A 60 34.35 -3.29 -21.29
C THR A 60 34.37 -4.49 -20.33
N ASN A 61 33.19 -4.81 -19.70
CA ASN A 61 33.14 -5.87 -18.68
C ASN A 61 31.76 -6.53 -18.64
N PRO A 62 31.30 -7.10 -19.82
CA PRO A 62 29.89 -7.52 -19.96
C PRO A 62 29.48 -8.67 -19.03
N GLN A 63 30.49 -9.57 -18.70
CA GLN A 63 30.20 -10.78 -17.94
C GLN A 63 29.73 -10.44 -16.51
N ASN A 64 30.07 -9.16 -16.10
CA ASN A 64 29.75 -8.65 -14.77
C ASN A 64 28.91 -7.35 -14.90
N THR A 65 28.14 -7.26 -16.04
CA THR A 65 27.17 -6.18 -16.28
C THR A 65 25.80 -6.86 -16.24
N LEU A 66 24.92 -6.28 -15.37
CA LEU A 66 23.61 -6.83 -15.05
C LEU A 66 22.60 -5.81 -15.60
N PHE A 67 21.77 -6.35 -16.56
CA PHE A 67 20.67 -5.59 -17.14
C PHE A 67 19.49 -6.53 -17.33
N ALA A 68 18.26 -5.89 -17.31
CA ALA A 68 17.00 -6.55 -17.62
C ALA A 68 16.56 -7.58 -16.57
N ILE A 69 16.89 -7.28 -15.26
CA ILE A 69 16.74 -8.27 -14.20
C ILE A 69 15.25 -8.57 -13.86
N LYS A 70 14.29 -7.69 -14.35
CA LYS A 70 12.85 -7.88 -14.16
C LYS A 70 12.37 -9.19 -14.85
N ARG A 71 13.19 -9.68 -15.86
CA ARG A 71 12.85 -10.94 -16.53
C ARG A 71 13.11 -12.17 -15.62
N LEU A 72 14.09 -11.99 -14.65
CA LEU A 72 14.63 -13.10 -13.86
C LEU A 72 14.16 -13.08 -12.40
N ILE A 73 13.66 -11.87 -11.96
CA ILE A 73 13.67 -11.37 -10.57
C ILE A 73 13.27 -12.37 -9.48
N GLY A 74 12.28 -13.24 -9.87
CA GLY A 74 11.70 -14.26 -9.02
C GLY A 74 11.13 -15.42 -9.84
N ARG A 75 11.98 -15.88 -10.84
CA ARG A 75 11.72 -17.09 -11.61
C ARG A 75 12.82 -18.11 -11.19
N ARG A 76 12.60 -19.41 -11.64
CA ARG A 76 13.37 -20.57 -11.16
C ARG A 76 14.12 -21.11 -12.37
N PHE A 77 15.22 -21.89 -12.11
CA PHE A 77 16.17 -22.20 -13.20
C PHE A 77 15.49 -22.85 -14.43
N GLN A 78 14.51 -23.79 -14.14
CA GLN A 78 13.72 -24.39 -15.20
C GLN A 78 12.39 -23.62 -15.27
N ASP A 79 12.35 -22.72 -16.31
CA ASP A 79 11.26 -21.79 -16.62
C ASP A 79 11.52 -21.41 -18.10
N GLU A 80 10.48 -20.86 -18.80
CA GLU A 80 10.59 -20.61 -20.24
C GLU A 80 11.35 -19.31 -20.56
N GLU A 81 11.44 -18.39 -19.53
CA GLU A 81 12.10 -17.10 -19.68
C GLU A 81 13.57 -17.33 -19.29
N VAL A 82 13.75 -18.04 -18.11
CA VAL A 82 15.10 -18.24 -17.63
C VAL A 82 15.88 -19.09 -18.65
N GLN A 83 15.19 -20.15 -19.24
CA GLN A 83 15.90 -21.02 -20.17
C GLN A 83 16.33 -20.27 -21.44
N ARG A 84 15.51 -19.25 -21.89
CA ARG A 84 15.87 -18.44 -23.04
C ARG A 84 16.92 -17.39 -22.65
N ASP A 85 16.75 -16.76 -21.44
CA ASP A 85 17.71 -15.75 -20.95
C ASP A 85 19.14 -16.35 -20.86
N VAL A 86 19.25 -17.63 -20.36
CA VAL A 86 20.54 -18.33 -20.24
C VAL A 86 21.20 -18.51 -21.64
N SER A 87 20.33 -18.47 -22.71
CA SER A 87 20.79 -18.66 -24.09
C SER A 87 21.27 -17.35 -24.74
N ILE A 88 20.72 -16.18 -24.24
CA ILE A 88 21.04 -14.88 -24.85
C ILE A 88 21.84 -13.93 -23.94
N MET A 89 21.64 -14.02 -22.58
CA MET A 89 22.19 -12.99 -21.72
C MET A 89 23.71 -13.23 -21.53
N PRO A 90 24.53 -12.12 -21.56
CA PRO A 90 25.99 -12.27 -21.51
C PRO A 90 26.55 -12.60 -20.11
N PHE A 91 25.78 -12.16 -19.06
CA PHE A 91 26.20 -12.30 -17.68
C PHE A 91 25.85 -13.71 -17.21
N LYS A 92 26.72 -14.21 -16.26
CA LYS A 92 26.67 -15.60 -15.81
C LYS A 92 25.49 -15.80 -14.83
N ILE A 93 24.36 -16.27 -15.48
CA ILE A 93 23.17 -16.75 -14.77
C ILE A 93 23.48 -18.19 -14.29
N ILE A 94 22.92 -18.48 -13.06
CA ILE A 94 23.06 -19.79 -12.43
C ILE A 94 21.74 -20.21 -11.76
N ALA A 95 21.72 -21.55 -11.42
CA ALA A 95 20.69 -22.11 -10.56
C ALA A 95 21.14 -21.85 -9.12
N ALA A 96 20.16 -21.35 -8.30
CA ALA A 96 20.38 -21.24 -6.88
C ALA A 96 20.26 -22.60 -6.18
N ASP A 97 20.85 -22.60 -4.94
CA ASP A 97 20.81 -23.72 -4.01
C ASP A 97 19.37 -24.16 -3.60
N ASN A 98 18.33 -23.28 -3.91
CA ASN A 98 16.89 -23.60 -3.76
C ASN A 98 16.16 -23.83 -5.13
N GLY A 99 16.94 -23.77 -6.26
CA GLY A 99 16.37 -23.93 -7.60
C GLY A 99 15.90 -22.63 -8.27
N ASP A 100 16.12 -21.50 -7.51
CA ASP A 100 15.85 -20.13 -7.95
C ASP A 100 16.82 -19.81 -9.11
N ALA A 101 16.40 -18.78 -9.93
CA ALA A 101 17.27 -18.23 -10.97
C ALA A 101 18.04 -17.08 -10.34
N TRP A 102 19.41 -17.30 -10.27
CA TRP A 102 20.33 -16.40 -9.55
C TRP A 102 21.46 -16.05 -10.52
N VAL A 103 22.34 -15.08 -10.06
CA VAL A 103 23.47 -14.62 -10.86
C VAL A 103 24.76 -14.97 -10.13
N GLU A 104 25.82 -15.16 -10.98
CA GLU A 104 27.21 -15.34 -10.54
C GLU A 104 27.95 -14.11 -11.10
N VAL A 105 28.62 -13.35 -10.16
CA VAL A 105 29.33 -12.13 -10.57
C VAL A 105 30.70 -12.16 -9.90
N LYS A 106 31.79 -12.03 -10.76
CA LYS A 106 33.17 -12.09 -10.26
C LYS A 106 33.48 -13.32 -9.36
N GLY A 107 32.66 -14.42 -9.53
CA GLY A 107 32.77 -15.67 -8.78
C GLY A 107 31.80 -15.86 -7.61
N GLN A 108 31.08 -14.75 -7.21
CA GLN A 108 30.16 -14.80 -6.07
C GLN A 108 28.71 -14.92 -6.56
N LYS A 109 27.93 -15.78 -5.79
CA LYS A 109 26.54 -16.10 -6.08
C LYS A 109 25.66 -15.05 -5.39
N MET A 110 24.67 -14.48 -6.18
CA MET A 110 23.75 -13.49 -5.62
C MET A 110 22.31 -13.68 -6.13
N ALA A 111 21.37 -13.22 -5.22
CA ALA A 111 19.93 -13.39 -5.41
C ALA A 111 19.42 -12.08 -5.98
N PRO A 112 18.68 -12.11 -7.14
CA PRO A 112 18.40 -10.90 -7.90
C PRO A 112 17.65 -9.75 -7.23
N PRO A 113 16.85 -9.96 -6.13
CA PRO A 113 16.38 -8.83 -5.33
C PRO A 113 17.54 -7.97 -4.80
N GLN A 114 18.71 -8.63 -4.53
CA GLN A 114 19.90 -7.95 -4.02
C GLN A 114 20.42 -7.01 -5.13
N ILE A 115 20.37 -7.55 -6.40
CA ILE A 115 20.90 -6.84 -7.56
C ILE A 115 19.94 -5.67 -7.82
N SER A 116 18.62 -6.00 -7.99
CA SER A 116 17.63 -4.98 -8.34
C SER A 116 17.58 -3.87 -7.29
N ALA A 117 18.01 -4.19 -6.02
CA ALA A 117 18.10 -3.18 -4.99
C ALA A 117 19.04 -2.01 -5.38
N GLU A 118 20.07 -2.25 -6.28
CA GLU A 118 21.03 -1.19 -6.58
C GLU A 118 20.39 -0.11 -7.47
N VAL A 119 19.25 -0.48 -8.15
CA VAL A 119 18.45 0.52 -8.86
C VAL A 119 17.73 1.31 -7.76
N LEU A 120 17.11 0.55 -6.80
CA LEU A 120 16.27 1.17 -5.78
C LEU A 120 17.14 2.05 -4.87
N LYS A 121 18.38 1.57 -4.51
CA LYS A 121 19.27 2.39 -3.68
C LYS A 121 19.63 3.71 -4.41
N LYS A 122 19.84 3.63 -5.78
CA LYS A 122 20.10 4.86 -6.54
C LYS A 122 18.81 5.71 -6.58
N MET A 123 17.61 5.04 -6.82
CA MET A 123 16.36 5.80 -6.89
C MET A 123 16.07 6.48 -5.53
N LYS A 124 16.34 5.70 -4.43
CA LYS A 124 16.14 6.18 -3.07
C LYS A 124 17.02 7.41 -2.83
N LYS A 125 18.35 7.26 -3.18
CA LYS A 125 19.29 8.37 -3.08
C LYS A 125 18.77 9.58 -3.90
N THR A 126 18.31 9.28 -5.18
CA THR A 126 17.81 10.35 -6.06
C THR A 126 16.63 11.09 -5.41
N ALA A 127 15.69 10.29 -4.77
CA ALA A 127 14.55 10.91 -4.11
C ALA A 127 14.99 11.70 -2.88
N GLU A 128 15.90 11.06 -2.04
CA GLU A 128 16.36 11.65 -0.79
C GLU A 128 17.07 13.00 -1.07
N ASP A 129 17.87 12.99 -2.21
CA ASP A 129 18.67 14.15 -2.59
C ASP A 129 17.80 15.39 -2.91
N TYR A 130 16.52 15.16 -3.40
CA TYR A 130 15.61 16.27 -3.67
C TYR A 130 14.92 16.73 -2.37
N LEU A 131 14.47 15.70 -1.56
CA LEU A 131 13.68 15.99 -0.37
C LEU A 131 14.57 16.53 0.76
N GLY A 132 15.82 15.96 0.86
CA GLY A 132 16.80 16.31 1.87
C GLY A 132 16.72 15.47 3.13
N GLU A 133 15.50 14.90 3.39
CA GLU A 133 15.21 14.05 4.54
C GLU A 133 15.41 12.58 4.09
N PRO A 134 15.75 11.66 5.05
CA PRO A 134 15.87 10.25 4.73
C PRO A 134 14.49 9.63 4.54
N VAL A 135 14.38 8.84 3.41
CA VAL A 135 13.13 8.20 3.03
C VAL A 135 13.28 6.79 3.64
N THR A 136 12.11 6.19 4.04
CA THR A 136 12.13 4.85 4.64
C THR A 136 11.02 3.92 4.08
N GLU A 137 10.38 4.39 2.95
CA GLU A 137 9.13 3.85 2.45
C GLU A 137 9.12 3.90 0.91
N ALA A 138 8.38 2.93 0.29
CA ALA A 138 8.14 2.94 -1.15
C ALA A 138 6.73 2.45 -1.54
N VAL A 139 6.37 2.87 -2.81
CA VAL A 139 5.45 2.13 -3.69
C VAL A 139 6.30 1.81 -4.93
N ILE A 140 6.00 0.58 -5.49
CA ILE A 140 6.79 -0.01 -6.58
C ILE A 140 5.79 -0.63 -7.59
N THR A 141 6.21 -0.53 -8.89
CA THR A 141 5.48 -1.07 -10.05
C THR A 141 5.85 -2.53 -10.35
N VAL A 142 4.84 -3.26 -10.96
CA VAL A 142 5.07 -4.58 -11.60
C VAL A 142 4.09 -4.78 -12.79
N PRO A 143 4.35 -5.74 -13.73
CA PRO A 143 3.33 -6.14 -14.70
C PRO A 143 2.13 -6.82 -14.02
N ALA A 144 1.04 -7.03 -14.86
CA ALA A 144 -0.22 -7.56 -14.34
C ALA A 144 -0.22 -9.07 -14.11
N TYR A 145 0.69 -9.78 -14.88
CA TYR A 145 0.74 -11.25 -14.95
C TYR A 145 1.78 -11.90 -14.02
N PHE A 146 2.30 -11.06 -13.05
CA PHE A 146 3.26 -11.51 -12.05
C PHE A 146 2.49 -12.19 -10.91
N ASN A 147 3.11 -13.34 -10.43
CA ASN A 147 2.56 -14.07 -9.28
C ASN A 147 3.20 -13.53 -7.97
N ASP A 148 2.79 -14.19 -6.83
CA ASP A 148 3.18 -13.75 -5.49
C ASP A 148 4.69 -13.80 -5.29
N ALA A 149 5.35 -14.82 -5.92
CA ALA A 149 6.78 -15.01 -5.73
C ALA A 149 7.50 -13.86 -6.43
N GLN A 150 6.96 -13.48 -7.65
CA GLN A 150 7.53 -12.38 -8.38
C GLN A 150 7.18 -11.04 -7.70
N ARG A 151 5.93 -10.92 -7.13
CA ARG A 151 5.53 -9.69 -6.42
C ARG A 151 6.36 -9.53 -5.14
N GLN A 152 6.55 -10.67 -4.37
CA GLN A 152 7.29 -10.59 -3.12
C GLN A 152 8.78 -10.34 -3.40
N ALA A 153 9.33 -10.96 -4.51
CA ALA A 153 10.73 -10.72 -4.84
C ALA A 153 11.06 -9.21 -4.98
N THR A 154 10.06 -8.45 -5.58
CA THR A 154 10.22 -7.00 -5.74
C THR A 154 10.14 -6.29 -4.38
N LYS A 155 9.24 -6.81 -3.46
CA LYS A 155 9.12 -6.24 -2.12
C LYS A 155 10.39 -6.52 -1.30
N ASP A 156 10.95 -7.76 -1.51
CA ASP A 156 12.21 -8.14 -0.88
C ASP A 156 13.32 -7.19 -1.38
N ALA A 157 13.31 -6.91 -2.74
CA ALA A 157 14.27 -5.95 -3.29
C ALA A 157 14.13 -4.57 -2.63
N GLY A 158 12.83 -4.21 -2.29
CA GLY A 158 12.58 -2.97 -1.56
C GLY A 158 13.22 -2.98 -0.17
N ARG A 159 12.94 -4.09 0.60
CA ARG A 159 13.39 -4.16 1.98
C ARG A 159 14.93 -4.09 2.06
N ILE A 160 15.62 -4.77 1.09
CA ILE A 160 17.08 -4.83 1.05
C ILE A 160 17.67 -3.41 0.84
N ALA A 161 16.82 -2.49 0.25
CA ALA A 161 17.21 -1.11 -0.02
C ALA A 161 16.87 -0.16 1.15
N GLY A 162 16.21 -0.73 2.23
CA GLY A 162 15.78 0.05 3.36
C GLY A 162 14.54 0.89 3.06
N LEU A 163 13.73 0.37 2.08
CA LEU A 163 12.46 0.96 1.68
C LEU A 163 11.37 -0.02 2.09
N GLU A 164 10.48 0.43 3.05
CA GLU A 164 9.32 -0.39 3.34
C GLU A 164 8.29 -0.22 2.21
N VAL A 165 7.80 -1.40 1.67
CA VAL A 165 6.93 -1.37 0.50
C VAL A 165 5.50 -1.36 1.05
N LYS A 166 4.90 -0.09 0.99
CA LYS A 166 3.64 0.18 1.69
C LYS A 166 2.41 -0.18 0.82
N ARG A 167 2.73 -0.55 -0.47
CA ARG A 167 1.82 -1.17 -1.43
C ARG A 167 2.74 -1.53 -2.61
N ILE A 168 2.30 -2.58 -3.40
CA ILE A 168 2.99 -2.92 -4.64
C ILE A 168 1.89 -3.06 -5.68
N ILE A 169 2.01 -2.16 -6.72
CA ILE A 169 0.93 -1.93 -7.64
C ILE A 169 1.39 -2.31 -9.05
N ASN A 170 0.32 -2.48 -9.90
CA ASN A 170 0.53 -3.03 -11.22
C ASN A 170 0.74 -1.84 -12.18
N GLU A 171 1.57 -2.13 -13.23
CA GLU A 171 1.91 -1.18 -14.29
C GLU A 171 0.64 -0.67 -15.02
N PRO A 172 -0.36 -1.54 -15.42
CA PRO A 172 -1.60 -1.03 -15.99
C PRO A 172 -2.43 -0.15 -15.03
N THR A 173 -2.39 -0.49 -13.69
CA THR A 173 -3.15 0.27 -12.69
C THR A 173 -2.48 1.64 -12.62
N ALA A 174 -1.10 1.55 -12.56
CA ALA A 174 -0.26 2.74 -12.52
C ALA A 174 -0.52 3.61 -13.75
N ALA A 175 -0.56 2.97 -14.97
CA ALA A 175 -0.93 3.70 -16.18
C ALA A 175 -2.31 4.36 -16.02
N ALA A 176 -3.35 3.58 -15.56
CA ALA A 176 -4.69 4.16 -15.39
C ALA A 176 -4.71 5.33 -14.39
N LEU A 177 -4.00 5.13 -13.23
CA LEU A 177 -3.95 6.17 -12.20
C LEU A 177 -3.28 7.42 -12.78
N ALA A 178 -2.16 7.20 -13.57
CA ALA A 178 -1.30 8.27 -14.02
C ALA A 178 -2.01 9.33 -14.88
N TYR A 179 -2.98 8.85 -15.72
CA TYR A 179 -3.73 9.73 -16.62
C TYR A 179 -5.03 10.26 -15.95
N GLY A 180 -5.12 10.03 -14.58
CA GLY A 180 -6.11 10.64 -13.70
C GLY A 180 -7.42 9.90 -13.48
N LEU A 181 -7.46 8.57 -13.86
CA LEU A 181 -8.70 7.77 -13.86
C LEU A 181 -8.89 7.11 -12.48
N ASP A 182 -8.85 8.00 -11.44
CA ASP A 182 -9.11 7.66 -10.04
C ASP A 182 -10.62 7.74 -9.72
N LYS A 183 -11.31 8.67 -10.49
CA LYS A 183 -12.66 9.09 -10.18
C LYS A 183 -13.19 9.96 -11.34
N GLY A 184 -14.54 10.25 -11.27
CA GLY A 184 -15.16 11.24 -12.14
C GLY A 184 -15.75 10.67 -13.42
N THR A 185 -16.14 9.36 -13.29
CA THR A 185 -16.98 8.60 -14.22
C THR A 185 -17.61 7.55 -13.30
N GLY A 186 -18.68 6.85 -13.80
CA GLY A 186 -19.21 5.71 -13.04
C GLY A 186 -18.40 4.44 -13.29
N ASN A 187 -17.89 4.35 -14.57
CA ASN A 187 -17.20 3.17 -15.09
C ASN A 187 -16.32 3.71 -16.23
N ARG A 188 -15.09 3.10 -16.34
CA ARG A 188 -14.32 3.22 -17.56
C ARG A 188 -13.64 1.87 -17.84
N THR A 189 -13.68 1.56 -19.19
CA THR A 189 -13.03 0.38 -19.73
C THR A 189 -11.84 0.93 -20.52
N ILE A 190 -10.63 0.53 -20.02
CA ILE A 190 -9.38 1.14 -20.48
C ILE A 190 -8.59 0.04 -21.22
N ALA A 191 -7.87 0.53 -22.29
CA ALA A 191 -6.83 -0.27 -22.93
C ALA A 191 -5.49 0.42 -22.65
N VAL A 192 -4.55 -0.40 -22.03
CA VAL A 192 -3.19 0.06 -21.75
C VAL A 192 -2.25 -0.63 -22.74
N TYR A 193 -1.66 0.22 -23.65
CA TYR A 193 -0.72 -0.23 -24.68
C TYR A 193 0.65 0.20 -24.16
N ASP A 194 1.45 -0.84 -23.73
CA ASP A 194 2.79 -0.59 -23.18
C ASP A 194 3.77 -1.18 -24.20
N LEU A 195 4.52 -0.23 -24.89
CA LEU A 195 5.55 -0.64 -25.86
C LEU A 195 6.84 0.07 -25.42
N GLY A 196 7.58 -0.70 -24.54
CA GLY A 196 8.59 -0.16 -23.68
C GLY A 196 9.97 -0.08 -24.31
N GLY A 197 10.98 -0.42 -23.42
CA GLY A 197 12.38 -0.37 -23.85
C GLY A 197 12.82 -1.67 -24.51
N GLY A 198 12.23 -2.82 -23.97
CA GLY A 198 12.62 -4.14 -24.44
C GLY A 198 11.58 -5.21 -24.12
N THR A 199 10.28 -4.73 -24.23
CA THR A 199 9.10 -5.54 -23.95
C THR A 199 7.85 -4.79 -24.44
N PHE A 200 6.77 -5.64 -24.64
CA PHE A 200 5.45 -5.19 -25.06
C PHE A 200 4.42 -5.92 -24.19
N ASP A 201 3.45 -5.08 -23.69
CA ASP A 201 2.30 -5.59 -22.97
C ASP A 201 1.08 -4.82 -23.50
N ILE A 202 -0.04 -5.63 -23.57
CA ILE A 202 -1.38 -5.10 -23.75
C ILE A 202 -2.08 -5.61 -22.50
N SER A 203 -2.73 -4.63 -21.78
CA SER A 203 -3.57 -4.97 -20.65
C SER A 203 -4.85 -4.15 -20.80
N ILE A 204 -5.98 -4.94 -20.84
CA ILE A 204 -7.33 -4.37 -20.92
C ILE A 204 -7.87 -4.60 -19.51
N ILE A 205 -8.34 -3.43 -18.95
CA ILE A 205 -8.64 -3.30 -17.54
C ILE A 205 -9.95 -2.51 -17.40
N GLU A 206 -10.68 -2.85 -16.28
CA GLU A 206 -11.97 -2.25 -15.97
C GLU A 206 -11.79 -1.53 -14.63
N ILE A 207 -12.29 -0.23 -14.65
CA ILE A 207 -12.35 0.61 -13.45
C ILE A 207 -13.84 0.90 -13.27
N ASP A 208 -14.39 0.37 -12.12
CA ASP A 208 -15.82 0.47 -11.82
C ASP A 208 -15.91 1.23 -10.49
N GLU A 209 -16.91 2.17 -10.46
CA GLU A 209 -17.24 2.88 -9.25
C GLU A 209 -18.66 2.47 -8.75
N VAL A 210 -19.42 1.63 -9.56
CA VAL A 210 -20.84 1.39 -9.30
C VAL A 210 -21.09 0.33 -8.20
N ASP A 211 -19.97 -0.30 -7.70
CA ASP A 211 -20.01 -1.16 -6.52
C ASP A 211 -19.72 -0.37 -5.23
N GLY A 212 -19.75 1.01 -5.36
CA GLY A 212 -19.56 1.91 -4.25
C GLY A 212 -18.11 2.41 -4.21
N GLU A 213 -17.68 2.95 -5.41
CA GLU A 213 -16.42 3.68 -5.56
C GLU A 213 -15.23 2.75 -5.24
N LYS A 214 -15.32 1.44 -5.75
CA LYS A 214 -14.22 0.51 -5.58
C LYS A 214 -14.27 -0.72 -6.48
N THR A 215 -13.75 -0.57 -7.74
CA THR A 215 -12.95 -1.65 -8.30
C THR A 215 -11.99 -1.22 -9.40
N PHE A 216 -10.70 -1.70 -9.20
CA PHE A 216 -9.62 -1.60 -10.19
C PHE A 216 -9.24 -3.06 -10.50
N GLU A 217 -9.72 -3.54 -11.71
CA GLU A 217 -9.61 -4.96 -12.10
C GLU A 217 -8.94 -5.10 -13.48
N VAL A 218 -8.16 -6.24 -13.62
CA VAL A 218 -7.50 -6.58 -14.90
C VAL A 218 -8.41 -7.62 -15.58
N LEU A 219 -8.89 -7.25 -16.83
CA LEU A 219 -9.89 -8.06 -17.51
C LEU A 219 -9.19 -9.10 -18.39
N ALA A 220 -8.15 -8.58 -19.17
CA ALA A 220 -7.38 -9.43 -20.06
C ALA A 220 -6.03 -8.75 -20.30
N THR A 221 -4.95 -9.62 -20.29
CA THR A 221 -3.58 -9.17 -20.53
C THR A 221 -2.96 -10.17 -21.53
N ASN A 222 -2.06 -9.59 -22.40
CA ASN A 222 -1.20 -10.36 -23.30
C ASN A 222 -0.01 -9.43 -23.63
N GLY A 223 1.04 -10.01 -24.29
CA GLY A 223 2.30 -9.30 -24.40
C GLY A 223 3.25 -10.18 -25.17
N ASP A 224 4.49 -9.62 -25.36
CA ASP A 224 5.48 -10.34 -26.13
C ASP A 224 6.86 -9.91 -25.62
N THR A 225 7.73 -10.92 -25.87
CA THR A 225 8.98 -11.21 -25.20
C THR A 225 10.12 -10.56 -25.98
N HIS A 226 9.92 -10.55 -27.36
CA HIS A 226 10.90 -10.11 -28.35
C HIS A 226 10.06 -9.43 -29.45
N LEU A 227 9.41 -8.26 -29.09
CA LEU A 227 8.48 -7.60 -30.01
C LEU A 227 8.99 -6.22 -30.39
N GLY A 228 8.74 -5.92 -31.73
CA GLY A 228 9.11 -4.64 -32.26
C GLY A 228 10.60 -4.69 -32.49
N GLY A 229 11.20 -3.46 -32.47
CA GLY A 229 12.61 -3.33 -32.15
C GLY A 229 13.55 -4.26 -32.92
N GLU A 230 13.82 -5.45 -32.25
CA GLU A 230 14.98 -6.24 -32.61
C GLU A 230 14.90 -6.84 -34.02
N ASP A 231 13.65 -7.15 -34.51
CA ASP A 231 13.49 -7.70 -35.86
C ASP A 231 13.23 -6.58 -36.92
N PHE A 232 12.97 -5.31 -36.42
CA PHE A 232 12.57 -4.17 -37.25
C PHE A 232 13.81 -3.32 -37.51
N ASP A 233 14.51 -3.04 -36.36
CA ASP A 233 15.62 -2.10 -36.37
C ASP A 233 16.72 -2.85 -37.15
N SER A 234 16.67 -4.24 -37.06
CA SER A 234 17.54 -5.14 -37.84
C SER A 234 17.36 -5.04 -39.36
N ARG A 235 16.16 -4.55 -39.84
CA ARG A 235 15.95 -4.37 -41.28
C ARG A 235 16.76 -3.12 -41.67
N LEU A 236 16.68 -2.08 -40.76
CA LEU A 236 17.34 -0.81 -40.95
C LEU A 236 18.85 -0.96 -40.72
N ILE A 237 19.28 -1.66 -39.60
CA ILE A 237 20.71 -1.81 -39.33
C ILE A 237 21.35 -2.36 -40.62
N ASN A 238 20.68 -3.43 -41.18
CA ASN A 238 21.23 -4.18 -42.29
C ASN A 238 21.28 -3.37 -43.60
N TYR A 239 20.24 -2.48 -43.82
CA TYR A 239 20.26 -1.55 -44.96
C TYR A 239 21.47 -0.62 -44.80
N LEU A 240 21.67 -0.12 -43.53
CA LEU A 240 22.74 0.84 -43.29
C LEU A 240 24.10 0.17 -43.51
N VAL A 241 24.19 -1.17 -43.13
CA VAL A 241 25.38 -1.94 -43.45
C VAL A 241 25.52 -2.03 -44.98
N GLU A 242 24.44 -2.53 -45.69
CA GLU A 242 24.64 -2.79 -47.12
C GLU A 242 24.84 -1.49 -47.92
N GLU A 243 24.26 -0.33 -47.44
CA GLU A 243 24.50 0.96 -48.12
C GLU A 243 25.99 1.34 -47.95
N PHE A 244 26.51 1.17 -46.68
CA PHE A 244 27.91 1.48 -46.36
C PHE A 244 28.85 0.54 -47.15
N LYS A 245 28.48 -0.79 -47.20
CA LYS A 245 29.28 -1.82 -47.90
C LYS A 245 29.39 -1.44 -49.40
N LYS A 246 28.24 -0.89 -49.92
CA LYS A 246 28.12 -0.45 -51.31
C LYS A 246 28.94 0.84 -51.52
N ASP A 247 28.70 1.87 -50.62
CA ASP A 247 29.34 3.17 -50.80
C ASP A 247 30.85 3.10 -50.49
N GLN A 248 31.22 2.40 -49.34
CA GLN A 248 32.57 2.53 -48.81
C GLN A 248 33.43 1.26 -48.80
N GLY A 249 32.85 0.15 -49.39
CA GLY A 249 33.65 -1.00 -49.76
C GLY A 249 34.23 -1.81 -48.60
N ILE A 250 33.57 -1.66 -47.39
CA ILE A 250 34.02 -2.28 -46.14
C ILE A 250 32.74 -2.73 -45.40
N ASP A 251 32.88 -3.90 -44.69
CA ASP A 251 31.84 -4.46 -43.82
C ASP A 251 32.04 -3.97 -42.36
N LEU A 252 30.87 -4.13 -41.63
CA LEU A 252 30.62 -3.75 -40.25
C LEU A 252 30.14 -4.96 -39.42
N ARG A 253 29.56 -6.04 -40.07
CA ARG A 253 28.99 -7.16 -39.30
C ARG A 253 30.08 -7.91 -38.50
N ASN A 254 31.36 -7.62 -38.93
CA ASN A 254 32.59 -8.10 -38.31
C ASN A 254 32.97 -7.28 -37.05
N ASP A 255 32.39 -6.04 -36.90
CA ASP A 255 32.82 -5.07 -35.89
C ASP A 255 31.72 -5.00 -34.82
N PRO A 256 32.02 -5.48 -33.56
CA PRO A 256 31.05 -5.44 -32.47
C PRO A 256 30.66 -4.04 -31.98
N LEU A 257 31.59 -3.05 -32.21
CA LEU A 257 31.51 -1.71 -31.63
C LEU A 257 30.65 -0.89 -32.59
N ALA A 258 30.97 -1.07 -33.94
CA ALA A 258 30.21 -0.42 -34.97
C ALA A 258 28.77 -0.93 -34.96
N MET A 259 28.59 -2.28 -34.73
CA MET A 259 27.24 -2.83 -34.64
C MET A 259 26.49 -2.14 -33.48
N GLN A 260 27.17 -2.04 -32.28
CA GLN A 260 26.51 -1.46 -31.11
C GLN A 260 26.16 0.04 -31.35
N ARG A 261 27.16 0.79 -31.95
CA ARG A 261 26.93 2.20 -32.24
C ARG A 261 25.88 2.37 -33.34
N LEU A 262 25.95 1.48 -34.41
CA LEU A 262 24.92 1.52 -35.45
C LEU A 262 23.54 1.23 -34.84
N LYS A 263 23.46 0.23 -33.90
CA LYS A 263 22.20 -0.08 -33.22
C LYS A 263 21.63 1.17 -32.53
N GLU A 264 22.43 1.75 -31.55
CA GLU A 264 21.94 2.92 -30.80
C GLU A 264 21.60 4.10 -31.73
N ALA A 265 22.47 4.33 -32.78
CA ALA A 265 22.26 5.47 -33.66
C ALA A 265 21.03 5.29 -34.56
N ALA A 266 20.91 4.05 -35.16
CA ALA A 266 19.84 3.81 -36.12
C ALA A 266 18.48 3.72 -35.42
N GLU A 267 18.51 3.17 -34.15
CA GLU A 267 17.31 3.04 -33.33
C GLU A 267 16.75 4.43 -32.97
N LYS A 268 17.69 5.43 -32.79
CA LYS A 268 17.27 6.81 -32.57
C LYS A 268 16.69 7.34 -33.89
N ALA A 269 17.43 7.09 -35.04
CA ALA A 269 16.99 7.60 -36.33
C ALA A 269 15.59 7.07 -36.68
N LYS A 270 15.34 5.74 -36.43
CA LYS A 270 14.01 5.18 -36.74
C LYS A 270 12.89 5.95 -36.00
N ILE A 271 13.22 6.34 -34.71
CA ILE A 271 12.21 6.98 -33.87
C ILE A 271 11.91 8.41 -34.39
N GLU A 272 12.89 9.03 -35.13
CA GLU A 272 12.69 10.37 -35.69
C GLU A 272 11.82 10.28 -36.94
N LEU A 273 12.09 9.24 -37.78
CA LEU A 273 11.52 9.15 -39.12
C LEU A 273 10.01 8.87 -39.15
N SER A 274 9.44 8.66 -37.93
CA SER A 274 8.02 8.47 -37.70
C SER A 274 7.45 9.78 -37.09
N SER A 275 8.02 10.94 -37.73
CA SER A 275 7.72 12.22 -37.02
C SER A 275 8.28 13.38 -37.86
N ALA A 276 8.91 12.99 -39.02
CA ALA A 276 9.63 13.83 -39.95
C ALA A 276 9.77 12.99 -41.22
N GLN A 277 10.29 13.67 -42.32
CA GLN A 277 10.46 12.97 -43.59
C GLN A 277 11.83 12.28 -43.65
N GLN A 278 12.85 12.90 -42.95
CA GLN A 278 14.26 12.55 -43.09
C GLN A 278 15.05 12.87 -41.82
N THR A 279 16.19 12.10 -41.68
CA THR A 279 17.21 12.33 -40.66
C THR A 279 18.47 11.66 -41.21
N ASP A 280 19.65 12.13 -40.68
CA ASP A 280 20.94 11.72 -41.24
C ASP A 280 21.65 10.84 -40.18
N VAL A 281 22.06 9.60 -40.65
CA VAL A 281 22.72 8.65 -39.77
C VAL A 281 24.21 8.94 -39.97
N ASN A 282 24.69 9.90 -39.10
CA ASN A 282 26.08 10.36 -39.04
C ASN A 282 26.75 9.58 -37.90
N LEU A 283 27.94 8.98 -38.24
CA LEU A 283 28.75 8.24 -37.28
C LEU A 283 30.24 8.49 -37.64
N PRO A 284 30.91 9.42 -36.84
CA PRO A 284 32.32 9.70 -37.05
C PRO A 284 33.15 8.58 -36.39
N TYR A 285 34.25 8.21 -37.16
CA TYR A 285 35.18 7.15 -36.77
C TYR A 285 34.39 5.89 -36.45
N ILE A 286 33.82 5.27 -37.56
CA ILE A 286 33.00 4.08 -37.39
C ILE A 286 33.86 2.82 -37.51
N THR A 287 34.81 2.85 -38.51
CA THR A 287 35.68 1.73 -38.84
C THR A 287 36.92 2.34 -39.53
N ALA A 288 38.00 1.49 -39.65
CA ALA A 288 39.27 1.95 -40.22
C ALA A 288 39.92 0.76 -40.92
N ASP A 289 40.70 1.13 -42.00
CA ASP A 289 41.25 0.15 -42.92
C ASP A 289 42.58 0.70 -43.47
N ALA A 290 43.13 -0.01 -44.51
CA ALA A 290 44.42 0.37 -45.08
C ALA A 290 44.36 1.73 -45.79
N THR A 291 43.10 2.18 -46.12
CA THR A 291 42.88 3.48 -46.76
C THR A 291 42.65 4.61 -45.74
N GLY A 292 42.80 4.26 -44.41
CA GLY A 292 42.64 5.18 -43.31
C GLY A 292 41.35 4.88 -42.54
N PRO A 293 40.75 5.93 -41.88
CA PRO A 293 39.46 5.77 -41.23
C PRO A 293 38.33 5.81 -42.26
N LYS A 294 37.13 5.31 -41.82
CA LYS A 294 35.90 5.57 -42.54
C LYS A 294 34.96 6.35 -41.59
N HIS A 295 34.39 7.46 -42.20
CA HIS A 295 33.37 8.27 -41.56
C HIS A 295 32.10 7.85 -42.29
N MET A 296 31.03 7.66 -41.46
CA MET A 296 29.74 7.20 -41.97
C MET A 296 28.80 8.39 -41.85
N ASN A 297 28.21 8.75 -43.05
CA ASN A 297 27.10 9.68 -43.08
C ASN A 297 26.14 9.15 -44.16
N ILE A 298 25.01 8.55 -43.66
CA ILE A 298 24.00 7.97 -44.55
C ILE A 298 22.69 8.75 -44.28
N LYS A 299 22.05 9.18 -45.44
CA LYS A 299 20.77 9.86 -45.39
C LYS A 299 19.68 8.77 -45.50
N VAL A 300 18.70 8.89 -44.51
CA VAL A 300 17.57 7.98 -44.41
C VAL A 300 16.32 8.87 -44.38
N THR A 301 15.21 8.31 -44.98
CA THR A 301 13.92 8.98 -45.11
C THR A 301 12.87 8.03 -44.56
N ARG A 302 11.65 8.61 -44.27
CA ARG A 302 10.51 7.78 -43.89
C ARG A 302 10.18 6.85 -45.07
N ALA A 303 10.34 7.38 -46.34
CA ALA A 303 9.95 6.66 -47.54
C ALA A 303 10.84 5.43 -47.80
N LYS A 304 12.18 5.56 -47.54
CA LYS A 304 13.06 4.39 -47.65
C LYS A 304 12.76 3.44 -46.48
N LEU A 305 12.55 4.09 -45.27
CA LEU A 305 12.25 3.33 -44.06
C LEU A 305 10.96 2.52 -44.24
N GLU A 306 9.82 3.19 -44.62
CA GLU A 306 8.51 2.50 -44.70
C GLU A 306 8.59 1.26 -45.58
N SER A 307 9.51 1.32 -46.61
CA SER A 307 9.73 0.20 -47.51
C SER A 307 10.75 -0.86 -47.02
N LEU A 308 11.28 -0.71 -45.77
CA LEU A 308 12.12 -1.73 -45.12
C LEU A 308 11.34 -2.48 -44.02
N VAL A 309 10.34 -1.75 -43.40
CA VAL A 309 9.72 -2.12 -42.13
C VAL A 309 8.22 -2.52 -42.25
N GLU A 310 7.91 -3.40 -43.25
CA GLU A 310 6.54 -3.95 -43.37
C GLU A 310 6.42 -5.24 -42.53
N ASP A 311 6.07 -5.04 -41.19
CA ASP A 311 5.79 -6.16 -40.25
C ASP A 311 5.30 -5.67 -38.84
N LEU A 312 6.30 -5.47 -37.90
CA LEU A 312 6.14 -5.70 -36.48
C LEU A 312 5.25 -4.80 -35.65
N VAL A 313 4.81 -3.65 -36.25
CA VAL A 313 3.83 -2.84 -35.53
C VAL A 313 2.54 -3.65 -35.54
N ASN A 314 2.33 -4.44 -36.66
CA ASN A 314 1.12 -5.21 -36.81
C ASN A 314 1.14 -6.33 -35.75
N ARG A 315 2.38 -6.84 -35.40
CA ARG A 315 2.56 -7.86 -34.36
C ARG A 315 2.16 -7.29 -32.99
N SER A 316 1.97 -5.92 -32.92
CA SER A 316 1.41 -5.25 -31.73
C SER A 316 -0.11 -5.01 -31.82
N ILE A 317 -0.71 -5.27 -33.03
CA ILE A 317 -2.15 -5.17 -33.28
C ILE A 317 -2.77 -6.59 -33.29
N GLU A 318 -1.90 -7.64 -33.50
CA GLU A 318 -2.31 -9.04 -33.45
C GLU A 318 -2.69 -9.49 -32.03
N PRO A 319 -1.80 -9.39 -30.97
CA PRO A 319 -2.22 -9.79 -29.62
C PRO A 319 -3.29 -8.83 -29.04
N LEU A 320 -3.40 -7.63 -29.72
CA LEU A 320 -4.43 -6.64 -29.42
C LEU A 320 -5.81 -7.18 -29.85
N LYS A 321 -5.78 -8.24 -30.76
CA LYS A 321 -7.00 -8.94 -31.13
C LYS A 321 -7.33 -9.93 -30.01
N VAL A 322 -6.31 -10.73 -29.54
CA VAL A 322 -6.63 -11.81 -28.59
C VAL A 322 -7.13 -11.19 -27.26
N ALA A 323 -6.49 -10.00 -26.92
CA ALA A 323 -6.84 -9.31 -25.68
C ALA A 323 -8.30 -8.84 -25.68
N LEU A 324 -8.87 -8.65 -26.93
CA LEU A 324 -10.27 -8.34 -27.11
C LEU A 324 -11.10 -9.63 -27.25
N GLN A 325 -10.57 -10.61 -28.08
CA GLN A 325 -11.29 -11.86 -28.37
C GLN A 325 -11.50 -12.70 -27.10
N ASP A 326 -10.47 -12.69 -26.18
CA ASP A 326 -10.57 -13.46 -24.94
C ASP A 326 -11.60 -12.79 -24.00
N ALA A 327 -11.62 -11.41 -24.04
CA ALA A 327 -12.46 -10.60 -23.16
C ALA A 327 -13.93 -10.54 -23.63
N GLY A 328 -14.10 -10.57 -25.00
CA GLY A 328 -15.41 -10.56 -25.61
C GLY A 328 -15.99 -9.17 -25.84
N LEU A 329 -15.04 -8.17 -25.96
CA LEU A 329 -15.39 -6.76 -26.12
C LEU A 329 -15.02 -6.27 -27.52
N SER A 330 -15.65 -5.11 -27.91
CA SER A 330 -15.35 -4.43 -29.16
C SER A 330 -14.59 -3.11 -28.90
N VAL A 331 -13.99 -2.58 -30.03
CA VAL A 331 -13.09 -1.42 -29.98
C VAL A 331 -13.83 -0.13 -29.54
N SER A 332 -15.20 -0.18 -29.70
CA SER A 332 -16.08 0.90 -29.27
C SER A 332 -16.39 0.86 -27.78
N ASP A 333 -16.15 -0.31 -27.11
CA ASP A 333 -16.62 -0.53 -25.74
C ASP A 333 -15.60 0.12 -24.76
N ILE A 334 -14.37 0.33 -25.34
CA ILE A 334 -13.22 0.88 -24.66
C ILE A 334 -13.40 2.42 -24.73
N ASP A 335 -13.27 3.06 -23.52
CA ASP A 335 -13.39 4.51 -23.42
C ASP A 335 -12.04 5.07 -23.88
N ASP A 336 -10.97 4.55 -23.18
CA ASP A 336 -9.65 5.15 -23.24
C ASP A 336 -8.63 4.09 -23.67
N VAL A 337 -7.83 4.48 -24.74
CA VAL A 337 -6.61 3.75 -25.04
C VAL A 337 -5.48 4.69 -24.61
N ILE A 338 -4.68 4.13 -23.61
CA ILE A 338 -3.64 4.91 -22.96
C ILE A 338 -2.27 4.27 -23.21
N LEU A 339 -1.26 5.21 -23.42
CA LEU A 339 0.07 4.79 -23.84
C LEU A 339 1.06 4.77 -22.67
N VAL A 340 1.96 3.72 -22.72
CA VAL A 340 3.16 3.67 -21.87
C VAL A 340 4.32 3.19 -22.79
N GLY A 341 5.58 3.60 -22.39
CA GLY A 341 6.76 3.07 -23.03
C GLY A 341 7.27 4.02 -24.11
N GLY A 342 8.64 4.15 -24.13
CA GLY A 342 9.32 5.16 -24.92
C GLY A 342 9.18 5.04 -26.43
N GLN A 343 8.74 3.81 -26.91
CA GLN A 343 8.51 3.62 -28.34
C GLN A 343 7.18 4.30 -28.74
N THR A 344 6.34 4.70 -27.72
CA THR A 344 5.03 5.33 -27.96
C THR A 344 5.08 6.86 -28.21
N ARG A 345 6.32 7.30 -28.65
CA ARG A 345 6.56 8.58 -29.29
C ARG A 345 6.73 8.48 -30.81
N MET A 346 6.74 7.23 -31.34
CA MET A 346 6.92 6.95 -32.77
C MET A 346 5.51 7.08 -33.42
N PRO A 347 5.26 8.06 -34.37
CA PRO A 347 3.92 8.21 -34.94
C PRO A 347 3.22 6.94 -35.42
N MET A 348 4.05 5.97 -35.94
CA MET A 348 3.53 4.76 -36.58
C MET A 348 2.69 3.91 -35.60
N VAL A 349 3.11 3.83 -34.29
CA VAL A 349 2.32 3.05 -33.32
C VAL A 349 1.12 3.88 -32.86
N GLN A 350 1.33 5.24 -32.73
CA GLN A 350 0.24 6.10 -32.30
C GLN A 350 -0.87 6.01 -33.37
N LYS A 351 -0.44 6.08 -34.68
CA LYS A 351 -1.34 5.96 -35.83
C LYS A 351 -2.02 4.59 -35.81
N LYS A 352 -1.19 3.48 -35.76
CA LYS A 352 -1.76 2.14 -35.93
C LYS A 352 -2.65 1.68 -34.76
N VAL A 353 -2.45 2.30 -33.54
CA VAL A 353 -3.32 2.04 -32.40
C VAL A 353 -4.65 2.81 -32.62
N ALA A 354 -4.51 4.10 -33.09
CA ALA A 354 -5.67 4.95 -33.33
C ALA A 354 -6.58 4.29 -34.38
N GLU A 355 -5.92 3.82 -35.50
CA GLU A 355 -6.62 3.20 -36.62
C GLU A 355 -7.45 1.98 -36.19
N PHE A 356 -6.90 1.24 -35.15
CA PHE A 356 -7.56 0.03 -34.69
C PHE A 356 -8.68 0.39 -33.70
N PHE A 357 -8.37 1.32 -32.71
CA PHE A 357 -9.36 1.65 -31.69
C PHE A 357 -10.40 2.69 -32.12
N GLY A 358 -10.01 3.55 -33.12
CA GLY A 358 -10.92 4.54 -33.70
C GLY A 358 -10.89 5.90 -33.03
N LYS A 359 -10.37 5.91 -31.75
CA LYS A 359 -10.30 7.09 -30.90
C LYS A 359 -8.82 7.24 -30.54
N GLU A 360 -8.29 8.53 -30.66
CA GLU A 360 -6.85 8.79 -30.53
C GLU A 360 -6.36 8.44 -29.09
N PRO A 361 -5.22 7.68 -28.97
CA PRO A 361 -4.69 7.31 -27.66
C PRO A 361 -4.12 8.49 -26.86
N ARG A 362 -4.33 8.38 -25.50
CA ARG A 362 -3.97 9.47 -24.61
C ARG A 362 -2.50 9.31 -24.15
N LYS A 363 -1.78 10.49 -24.27
CA LYS A 363 -0.34 10.66 -24.01
C LYS A 363 -0.11 12.08 -23.44
N ASP A 364 -1.08 12.47 -22.54
CA ASP A 364 -1.24 13.81 -21.90
C ASP A 364 -0.40 13.91 -20.61
N VAL A 365 0.47 12.85 -20.44
CA VAL A 365 1.43 12.68 -19.34
C VAL A 365 2.52 11.81 -20.01
N ASN A 366 3.82 12.13 -19.68
CA ASN A 366 4.95 11.64 -20.46
C ASN A 366 5.22 10.11 -20.25
N PRO A 367 5.10 9.26 -21.34
CA PRO A 367 5.12 7.80 -21.19
C PRO A 367 6.45 7.05 -20.94
N ASP A 368 7.48 7.79 -20.39
CA ASP A 368 8.60 7.18 -19.64
C ASP A 368 8.67 7.71 -18.19
N GLU A 369 7.54 8.43 -17.78
CA GLU A 369 7.30 8.97 -16.44
C GLU A 369 5.92 8.55 -15.91
N ALA A 370 4.88 8.54 -16.82
CA ALA A 370 3.48 8.33 -16.41
C ALA A 370 3.34 7.17 -15.43
N VAL A 371 3.98 6.01 -15.77
CA VAL A 371 3.87 4.79 -14.96
C VAL A 371 4.53 4.93 -13.55
N ALA A 372 5.39 6.00 -13.38
CA ALA A 372 5.97 6.40 -12.10
C ALA A 372 5.01 7.37 -11.40
N ILE A 373 4.33 8.26 -12.21
CA ILE A 373 3.31 9.14 -11.64
C ILE A 373 2.20 8.24 -11.07
N GLY A 374 1.95 7.08 -11.78
CA GLY A 374 1.03 6.08 -11.28
C GLY A 374 1.41 5.49 -9.92
N ALA A 375 2.76 5.45 -9.65
CA ALA A 375 3.25 5.04 -8.34
C ALA A 375 3.09 6.21 -7.36
N ALA A 376 3.52 7.44 -7.83
CA ALA A 376 3.49 8.61 -6.96
C ALA A 376 2.09 8.94 -6.41
N VAL A 377 1.06 8.84 -7.31
CA VAL A 377 -0.31 9.25 -6.97
C VAL A 377 -0.98 8.28 -5.96
N GLN A 378 -0.45 7.00 -5.94
CA GLN A 378 -0.86 5.98 -4.97
C GLN A 378 -0.10 6.27 -3.68
N GLY A 379 1.24 6.34 -3.80
CA GLY A 379 2.17 6.50 -2.66
C GLY A 379 1.94 7.75 -1.80
N GLY A 380 1.75 8.88 -2.48
CA GLY A 380 1.56 10.21 -1.87
C GLY A 380 0.28 10.34 -1.03
N VAL A 381 -0.68 11.11 -1.55
CA VAL A 381 -1.92 11.47 -0.82
C VAL A 381 -2.85 10.28 -0.52
N LEU A 382 -2.86 9.26 -1.39
CA LEU A 382 -3.71 8.08 -1.18
C LEU A 382 -3.20 7.23 0.00
N THR A 383 -2.08 6.53 -0.17
CA THR A 383 -1.46 5.70 0.90
C THR A 383 -0.76 6.50 2.00
N GLY A 384 -0.66 7.83 1.82
CA GLY A 384 -1.18 8.81 2.81
C GLY A 384 -1.98 8.20 3.97
N ASP A 385 -3.21 7.76 3.66
CA ASP A 385 -4.13 7.11 4.61
C ASP A 385 -4.71 5.87 3.88
N VAL A 386 -6.04 5.75 3.93
CA VAL A 386 -6.96 4.90 3.16
C VAL A 386 -6.80 3.45 2.70
N LYS A 387 -7.73 2.76 3.38
CA LYS A 387 -8.59 1.63 3.05
C LYS A 387 -9.00 0.51 4.02
N ASP A 388 -8.64 -0.76 3.73
CA ASP A 388 -9.52 -1.91 4.03
C ASP A 388 -8.89 -3.23 4.52
N VAL A 389 -9.83 -4.06 4.99
CA VAL A 389 -9.90 -5.53 5.17
C VAL A 389 -10.75 -6.03 6.33
N LEU A 390 -10.28 -7.01 7.12
CA LEU A 390 -11.21 -7.93 7.77
C LEU A 390 -10.89 -8.20 9.26
N LEU A 391 -11.59 -9.19 9.81
CA LEU A 391 -11.58 -9.48 11.26
C LEU A 391 -10.83 -10.73 11.76
N LEU A 392 -10.71 -10.70 13.09
CA LEU A 392 -10.24 -11.64 14.11
C LEU A 392 -9.02 -11.12 14.90
N ASP A 393 -7.90 -11.79 15.18
CA ASP A 393 -6.95 -11.24 16.18
C ASP A 393 -5.55 -10.87 15.69
N VAL A 394 -4.95 -9.86 16.36
CA VAL A 394 -3.55 -9.42 16.24
C VAL A 394 -2.84 -8.69 17.42
N THR A 395 -2.69 -7.41 17.79
CA THR A 395 -3.08 -6.00 17.49
C THR A 395 -3.53 -5.10 18.63
N PRO A 396 -2.51 -4.70 19.44
CA PRO A 396 -2.63 -4.26 20.85
C PRO A 396 -3.76 -3.38 21.28
N LEU A 397 -3.53 -2.32 22.09
CA LEU A 397 -4.18 -2.26 23.40
C LEU A 397 -5.71 -2.23 23.36
N SER A 398 -6.30 -2.60 24.48
CA SER A 398 -7.75 -2.55 24.68
C SER A 398 -8.33 -1.12 24.76
N LEU A 399 -9.68 -1.08 24.39
CA LEU A 399 -10.47 0.14 24.36
C LEU A 399 -11.76 -0.15 25.14
N GLY A 400 -12.12 0.87 26.00
CA GLY A 400 -13.23 0.74 26.93
C GLY A 400 -13.64 2.05 27.54
N ILE A 401 -14.48 1.92 28.63
CA ILE A 401 -15.08 3.08 29.29
C ILE A 401 -15.02 2.99 30.83
N GLU A 402 -15.21 4.22 31.46
CA GLU A 402 -15.26 4.31 32.92
C GLU A 402 -16.71 4.00 33.39
N THR A 403 -16.78 3.00 34.35
CA THR A 403 -18.03 2.61 35.00
C THR A 403 -17.96 2.90 36.52
N MET A 404 -19.20 2.82 37.16
CA MET A 404 -19.40 3.12 38.58
C MET A 404 -18.47 2.20 39.37
N GLY A 405 -17.52 2.92 40.08
CA GLY A 405 -16.37 2.30 40.69
C GLY A 405 -15.09 3.03 40.30
N GLY A 406 -15.11 3.66 39.07
CA GLY A 406 -13.94 4.36 38.57
C GLY A 406 -12.98 3.36 37.92
N VAL A 407 -13.63 2.27 37.36
CA VAL A 407 -12.94 1.15 36.75
C VAL A 407 -13.18 1.23 35.23
N MET A 408 -12.10 0.86 34.46
CA MET A 408 -12.21 0.65 33.03
C MET A 408 -12.93 -0.68 32.81
N THR A 409 -14.09 -0.55 32.08
CA THR A 409 -14.84 -1.71 31.57
C THR A 409 -14.56 -1.74 30.07
N THR A 410 -14.05 -2.95 29.62
CA THR A 410 -13.52 -3.15 28.26
C THR A 410 -14.64 -3.54 27.28
N LEU A 411 -14.59 -2.84 26.08
CA LEU A 411 -15.55 -3.03 24.98
C LEU A 411 -14.85 -3.74 23.81
N ILE A 412 -13.61 -3.26 23.47
CA ILE A 412 -12.77 -3.90 22.46
C ILE A 412 -11.52 -4.39 23.23
N ALA A 413 -11.27 -5.74 23.08
CA ALA A 413 -10.19 -6.42 23.78
C ALA A 413 -8.82 -6.13 23.14
N LYS A 414 -7.76 -6.49 23.94
CA LYS A 414 -6.39 -6.42 23.49
C LYS A 414 -6.17 -7.54 22.46
N ASN A 415 -5.50 -7.10 21.34
CA ASN A 415 -4.99 -8.02 20.33
C ASN A 415 -6.07 -8.49 19.36
N THR A 416 -7.07 -7.58 19.05
CA THR A 416 -8.11 -7.83 18.03
C THR A 416 -7.91 -6.85 16.86
N THR A 417 -8.22 -7.39 15.61
CA THR A 417 -7.98 -6.66 14.34
C THR A 417 -9.13 -5.69 13.98
N ILE A 418 -8.97 -5.02 12.79
CA ILE A 418 -9.88 -3.95 12.35
C ILE A 418 -10.29 -4.24 10.90
N PRO A 419 -11.60 -3.99 10.52
CA PRO A 419 -12.67 -3.40 11.32
C PRO A 419 -13.33 -4.41 12.26
N THR A 420 -13.95 -3.83 13.35
CA THR A 420 -14.59 -4.60 14.41
C THR A 420 -15.63 -3.70 15.07
N LYS A 421 -16.79 -4.36 15.42
CA LYS A 421 -17.93 -3.68 15.98
C LYS A 421 -18.37 -4.57 17.15
N HIS A 422 -18.46 -3.89 18.35
CA HIS A 422 -18.86 -4.56 19.57
C HIS A 422 -19.68 -3.56 20.37
N SER A 423 -20.47 -4.10 21.36
CA SER A 423 -21.38 -3.26 22.13
C SER A 423 -21.66 -3.93 23.48
N GLN A 424 -22.23 -3.05 24.39
CA GLN A 424 -22.63 -3.46 25.73
C GLN A 424 -23.71 -2.46 26.19
N VAL A 425 -24.62 -2.98 27.09
CA VAL A 425 -25.76 -2.19 27.57
C VAL A 425 -25.42 -1.79 29.01
N PHE A 426 -25.61 -0.46 29.27
CA PHE A 426 -25.38 0.18 30.55
C PHE A 426 -26.67 0.94 30.93
N SER A 427 -26.55 1.62 32.13
CA SER A 427 -27.66 2.22 32.84
C SER A 427 -27.13 3.46 33.59
N THR A 428 -28.15 4.19 34.16
CA THR A 428 -27.89 5.27 35.09
C THR A 428 -27.54 4.56 36.41
N ALA A 429 -26.92 5.41 37.30
CA ALA A 429 -26.41 4.98 38.59
C ALA A 429 -27.27 5.51 39.76
N GLU A 430 -27.98 6.66 39.53
CA GLU A 430 -28.85 7.28 40.54
C GLU A 430 -30.30 7.34 40.01
N ASP A 431 -31.27 7.55 40.99
CA ASP A 431 -32.70 7.64 40.67
C ASP A 431 -32.97 9.13 40.35
N ASN A 432 -33.77 9.34 39.24
CA ASN A 432 -34.04 10.67 38.67
C ASN A 432 -32.76 11.26 38.03
N GLN A 433 -31.85 10.31 37.62
CA GLN A 433 -30.64 10.69 36.90
C GLN A 433 -31.03 10.83 35.41
N SER A 434 -30.77 12.09 34.91
CA SER A 434 -31.22 12.57 33.61
C SER A 434 -30.12 12.58 32.54
N ALA A 435 -28.88 12.15 32.92
CA ALA A 435 -27.73 12.18 32.03
C ALA A 435 -26.63 11.23 32.49
N VAL A 436 -25.75 10.88 31.46
CA VAL A 436 -24.56 10.09 31.71
C VAL A 436 -23.38 10.78 30.99
N THR A 437 -22.18 10.58 31.63
CA THR A 437 -20.89 10.89 31.01
C THR A 437 -20.49 9.59 30.33
N ILE A 438 -19.95 9.73 29.07
CA ILE A 438 -19.29 8.61 28.43
C ILE A 438 -17.84 9.08 28.27
N HIS A 439 -16.92 8.33 28.97
CA HIS A 439 -15.48 8.61 28.98
C HIS A 439 -14.85 7.46 28.21
N VAL A 440 -14.11 7.83 27.10
CA VAL A 440 -13.54 6.84 26.18
C VAL A 440 -12.07 6.68 26.56
N LEU A 441 -11.78 5.41 27.04
CA LEU A 441 -10.47 5.05 27.55
C LEU A 441 -9.77 4.15 26.54
N GLN A 442 -8.42 4.46 26.38
CA GLN A 442 -7.46 3.51 25.82
C GLN A 442 -6.54 3.15 26.97
N GLY A 443 -6.42 1.79 27.17
CA GLY A 443 -5.49 1.31 28.16
C GLY A 443 -5.77 -0.12 28.56
N GLU A 444 -5.01 -0.54 29.63
CA GLU A 444 -5.09 -1.90 30.16
C GLU A 444 -5.13 -1.93 31.69
N ARG A 445 -5.27 -0.73 32.36
CA ARG A 445 -5.28 -0.66 33.83
C ARG A 445 -6.77 -0.73 34.23
N LYS A 446 -7.04 -1.24 35.49
CA LYS A 446 -8.41 -1.33 36.00
C LYS A 446 -8.93 0.08 36.27
N ARG A 447 -8.13 0.82 37.13
CA ARG A 447 -8.57 2.09 37.69
C ARG A 447 -8.52 3.11 36.54
N ALA A 448 -9.72 3.71 36.24
CA ALA A 448 -9.92 4.47 35.01
C ALA A 448 -8.96 5.66 34.90
N ALA A 449 -8.62 6.23 36.11
CA ALA A 449 -7.70 7.34 36.21
C ALA A 449 -6.24 6.97 35.86
N ASP A 450 -5.98 5.63 35.64
CA ASP A 450 -4.65 5.17 35.27
C ASP A 450 -4.56 4.90 33.74
N ASN A 451 -5.74 5.00 33.01
CA ASN A 451 -5.80 4.72 31.57
C ASN A 451 -5.81 6.05 30.78
N LYS A 452 -5.61 5.97 29.40
CA LYS A 452 -5.47 7.18 28.58
C LYS A 452 -6.88 7.59 28.10
N SER A 453 -7.23 8.85 28.50
CA SER A 453 -8.49 9.52 28.15
C SER A 453 -8.42 9.97 26.68
N LEU A 454 -9.12 9.17 25.80
CA LEU A 454 -9.14 9.47 24.37
C LEU A 454 -10.11 10.62 24.10
N GLY A 455 -11.23 10.59 24.90
CA GLY A 455 -12.27 11.57 24.73
C GLY A 455 -13.37 11.30 25.73
N GLN A 456 -14.30 12.31 25.79
CA GLN A 456 -15.53 12.18 26.53
C GLN A 456 -16.61 12.95 25.78
N PHE A 457 -17.88 12.48 26.06
CA PHE A 457 -19.08 13.11 25.55
C PHE A 457 -20.22 12.74 26.50
N ASN A 458 -21.37 13.48 26.29
CA ASN A 458 -22.55 13.33 27.12
C ASN A 458 -23.66 12.69 26.30
N LEU A 459 -24.57 12.02 27.10
CA LEU A 459 -25.91 11.69 26.63
C LEU A 459 -26.82 12.19 27.76
N ASP A 460 -27.60 13.27 27.40
CA ASP A 460 -28.56 13.91 28.28
C ASP A 460 -29.99 13.47 27.92
N GLY A 461 -30.90 13.74 28.91
CA GLY A 461 -32.33 13.76 28.65
C GLY A 461 -33.02 12.44 28.92
N ILE A 462 -32.43 11.68 29.92
CA ILE A 462 -32.98 10.40 30.34
C ILE A 462 -34.22 10.76 31.20
N ASN A 463 -35.32 9.97 30.89
CA ASN A 463 -36.64 10.23 31.48
C ASN A 463 -36.59 9.88 32.98
N PRO A 464 -37.56 10.45 33.80
CA PRO A 464 -37.58 10.19 35.24
C PRO A 464 -38.01 8.74 35.54
N ALA A 465 -37.05 7.81 35.23
CA ALA A 465 -37.13 6.39 35.55
C ALA A 465 -36.30 6.11 36.83
N PRO A 466 -36.57 4.94 37.52
CA PRO A 466 -35.68 4.45 38.58
C PRO A 466 -34.41 3.82 37.99
N ARG A 467 -33.32 3.78 38.83
CA ARG A 467 -32.05 3.22 38.35
C ARG A 467 -32.09 1.69 38.16
N GLY A 468 -31.11 1.26 37.25
CA GLY A 468 -30.94 -0.12 36.84
C GLY A 468 -31.66 -0.38 35.52
N MET A 469 -32.72 0.49 35.31
CA MET A 469 -33.73 0.29 34.28
C MET A 469 -33.45 0.98 32.94
N PRO A 470 -32.97 2.28 32.86
CA PRO A 470 -32.78 2.90 31.55
C PRO A 470 -31.71 2.12 30.78
N GLN A 471 -32.15 1.67 29.55
CA GLN A 471 -31.32 0.83 28.69
C GLN A 471 -30.50 1.75 27.79
N ILE A 472 -29.23 2.00 28.30
CA ILE A 472 -28.30 2.85 27.58
C ILE A 472 -27.33 1.89 26.88
N GLU A 473 -27.43 1.87 25.50
CA GLU A 473 -26.54 1.04 24.70
C GLU A 473 -25.31 1.91 24.48
N VAL A 474 -24.11 1.24 24.64
CA VAL A 474 -22.85 1.84 24.25
C VAL A 474 -22.28 0.85 23.22
N THR A 475 -21.92 1.47 22.04
CA THR A 475 -21.39 0.74 20.89
C THR A 475 -20.05 1.36 20.56
N PHE A 476 -19.06 0.42 20.31
CA PHE A 476 -17.73 0.77 19.85
C PHE A 476 -17.63 0.13 18.47
N ASP A 477 -17.23 1.01 17.49
CA ASP A 477 -17.05 0.63 16.10
C ASP A 477 -15.67 1.18 15.71
N ILE A 478 -14.79 0.24 15.23
CA ILE A 478 -13.50 0.64 14.67
C ILE A 478 -13.62 0.28 13.19
N ASP A 479 -13.38 1.35 12.35
CA ASP A 479 -13.48 1.21 10.90
C ASP A 479 -12.14 0.71 10.35
N ALA A 480 -12.07 0.61 8.98
CA ALA A 480 -10.93 -0.05 8.37
C ALA A 480 -9.74 0.89 8.11
N ASP A 481 -9.91 2.22 8.44
CA ASP A 481 -8.79 3.17 8.34
C ASP A 481 -8.20 3.35 9.76
N GLY A 482 -8.82 2.59 10.74
CA GLY A 482 -8.42 2.55 12.12
C GLY A 482 -9.12 3.60 12.97
N ILE A 483 -10.13 4.29 12.33
CA ILE A 483 -10.77 5.43 12.98
C ILE A 483 -11.80 4.79 13.92
N LEU A 484 -11.81 5.37 15.17
CA LEU A 484 -12.61 4.84 16.26
C LEU A 484 -13.85 5.73 16.30
N HIS A 485 -15.05 5.04 16.26
CA HIS A 485 -16.33 5.71 16.35
C HIS A 485 -17.00 5.06 17.57
N VAL A 486 -17.36 5.96 18.56
CA VAL A 486 -18.04 5.50 19.75
C VAL A 486 -19.40 6.18 19.66
N SER A 487 -20.45 5.34 19.99
CA SER A 487 -21.82 5.80 19.99
C SER A 487 -22.46 5.25 21.24
N ALA A 488 -23.31 6.15 21.85
CA ALA A 488 -24.12 5.79 23.00
C ALA A 488 -25.53 6.25 22.68
N LYS A 489 -26.51 5.38 23.13
CA LYS A 489 -27.91 5.59 22.79
C LYS A 489 -28.80 5.11 23.93
N ASP A 490 -29.89 5.91 24.17
CA ASP A 490 -30.97 5.46 25.04
C ASP A 490 -31.95 4.68 24.14
N LYS A 491 -32.27 3.41 24.58
CA LYS A 491 -33.23 2.60 23.87
C LYS A 491 -34.70 2.97 24.16
N ASN A 492 -34.94 3.76 25.26
CA ASN A 492 -36.32 4.12 25.63
C ASN A 492 -36.84 5.23 24.70
N SER A 493 -36.04 6.34 24.57
CA SER A 493 -36.42 7.49 23.74
C SER A 493 -35.88 7.41 22.31
N GLY A 494 -34.71 6.69 22.14
CA GLY A 494 -34.02 6.65 20.87
C GLY A 494 -32.97 7.75 20.67
N LYS A 495 -32.78 8.61 21.73
CA LYS A 495 -31.84 9.73 21.63
C LYS A 495 -30.39 9.19 21.68
N GLU A 496 -29.69 9.45 20.51
CA GLU A 496 -28.30 9.07 20.25
C GLU A 496 -27.40 10.26 20.59
N GLN A 497 -26.12 9.91 20.99
CA GLN A 497 -24.98 10.83 20.93
C GLN A 497 -23.72 10.02 20.57
N LYS A 498 -22.72 10.78 19.98
CA LYS A 498 -21.56 10.17 19.35
C LYS A 498 -20.27 10.89 19.76
N ILE A 499 -19.14 10.13 19.46
CA ILE A 499 -17.83 10.76 19.26
C ILE A 499 -17.03 9.88 18.27
N THR A 500 -16.21 10.62 17.42
CA THR A 500 -15.32 9.99 16.44
C THR A 500 -13.90 10.46 16.83
N ILE A 501 -12.99 9.43 16.92
CA ILE A 501 -11.64 9.57 17.48
C ILE A 501 -10.69 8.96 16.43
N LYS A 502 -9.49 9.63 16.25
CA LYS A 502 -8.66 9.34 15.09
C LYS A 502 -7.79 8.11 15.41
N ALA A 503 -7.32 7.43 14.29
CA ALA A 503 -6.42 6.28 14.43
C ALA A 503 -5.08 6.67 15.07
N SER A 504 -4.76 8.00 14.89
CA SER A 504 -3.59 8.65 15.45
C SER A 504 -3.87 9.38 16.79
N SER A 505 -5.06 9.08 17.41
CA SER A 505 -5.35 9.53 18.77
C SER A 505 -4.90 8.43 19.73
N GLY A 506 -4.52 8.91 20.98
CA GLY A 506 -4.19 8.00 22.04
C GLY A 506 -2.70 7.76 22.18
N LEU A 507 -2.42 6.51 22.71
CA LEU A 507 -1.08 6.12 23.12
C LEU A 507 -0.22 5.71 21.90
N ASN A 508 1.05 6.27 21.90
CA ASN A 508 2.10 5.87 20.94
C ASN A 508 2.84 4.56 21.37
N GLU A 509 3.75 4.07 20.46
CA GLU A 509 4.53 2.83 20.65
C GLU A 509 5.16 2.69 22.07
N ASP A 510 5.80 3.81 22.57
CA ASP A 510 6.58 3.71 23.81
C ASP A 510 5.61 3.78 25.01
N GLU A 511 4.48 4.55 24.79
CA GLU A 511 3.43 4.66 25.80
C GLU A 511 2.72 3.27 25.91
N ILE A 512 2.57 2.61 24.71
CA ILE A 512 2.01 1.26 24.57
C ILE A 512 2.93 0.25 25.28
N GLN A 513 4.29 0.35 25.05
CA GLN A 513 5.21 -0.53 25.75
C GLN A 513 5.08 -0.31 27.28
N LYS A 514 5.07 1.01 27.72
CA LYS A 514 4.96 1.29 29.15
C LYS A 514 3.72 0.58 29.67
N MET A 515 2.56 0.83 28.97
CA MET A 515 1.27 0.31 29.42
C MET A 515 1.33 -1.22 29.63
N VAL A 516 2.05 -1.94 28.73
CA VAL A 516 2.20 -3.40 28.89
C VAL A 516 2.97 -3.69 30.20
N ARG A 517 4.11 -2.94 30.39
CA ARG A 517 4.98 -3.16 31.56
C ARG A 517 4.16 -2.80 32.82
N ASP A 518 3.41 -1.64 32.68
CA ASP A 518 2.63 -1.02 33.75
C ASP A 518 1.57 -2.04 34.24
N ALA A 519 0.78 -2.55 33.22
CA ALA A 519 -0.33 -3.44 33.51
C ALA A 519 0.10 -4.84 33.95
N GLU A 520 1.29 -5.31 33.43
CA GLU A 520 1.80 -6.63 33.83
C GLU A 520 2.40 -6.57 35.26
N ALA A 521 3.04 -5.39 35.62
CA ALA A 521 3.68 -5.25 36.93
C ALA A 521 2.66 -4.97 38.05
N ASN A 522 1.63 -4.11 37.72
CA ASN A 522 0.67 -3.63 38.72
C ASN A 522 -0.57 -4.53 38.82
N ALA A 523 -0.48 -5.77 38.23
CA ALA A 523 -1.59 -6.71 38.20
C ALA A 523 -2.12 -6.99 39.62
N GLU A 524 -1.15 -7.12 40.59
CA GLU A 524 -1.49 -7.41 41.99
C GLU A 524 -2.21 -6.22 42.63
N ALA A 525 -1.74 -4.98 42.26
CA ALA A 525 -2.24 -3.76 42.89
C ALA A 525 -3.63 -3.45 42.33
N ASP A 526 -3.75 -3.68 40.97
CA ASP A 526 -4.99 -3.43 40.23
C ASP A 526 -6.05 -4.45 40.69
N ARG A 527 -5.65 -5.77 40.84
CA ARG A 527 -6.65 -6.73 41.31
C ARG A 527 -7.17 -6.33 42.71
N LYS A 528 -6.22 -5.81 43.58
CA LYS A 528 -6.58 -5.44 44.96
C LYS A 528 -7.60 -4.28 45.01
N PHE A 529 -7.63 -3.51 43.86
CA PHE A 529 -8.58 -2.43 43.64
C PHE A 529 -9.86 -3.04 43.06
N ASP A 530 -9.73 -3.85 41.95
CA ASP A 530 -10.92 -4.45 41.30
C ASP A 530 -11.77 -5.20 42.35
N GLU A 531 -11.06 -5.90 43.31
CA GLU A 531 -11.78 -6.64 44.34
C GLU A 531 -12.44 -5.77 45.45
N LEU A 532 -12.18 -4.42 45.39
CA LEU A 532 -12.84 -3.41 46.22
C LEU A 532 -14.01 -2.81 45.42
N VAL A 533 -13.78 -2.57 44.09
CA VAL A 533 -14.81 -1.98 43.22
C VAL A 533 -16.06 -2.87 43.25
N GLN A 534 -15.78 -4.23 43.18
CA GLN A 534 -16.85 -5.21 43.18
C GLN A 534 -17.67 -5.05 44.48
N THR A 535 -16.94 -4.93 45.63
CA THR A 535 -17.56 -4.88 46.95
C THR A 535 -18.31 -3.54 47.11
N ARG A 536 -17.65 -2.40 46.68
CA ARG A 536 -18.34 -1.10 46.74
C ARG A 536 -19.68 -1.15 45.99
N ASN A 537 -19.67 -1.83 44.77
CA ASN A 537 -20.86 -1.84 43.94
C ASN A 537 -21.98 -2.73 44.51
N GLN A 538 -21.55 -3.85 45.20
CA GLN A 538 -22.50 -4.74 45.89
C GLN A 538 -23.17 -3.96 47.05
N GLY A 539 -22.30 -3.14 47.76
CA GLY A 539 -22.75 -2.39 48.90
C GLY A 539 -23.72 -1.28 48.47
N ASP A 540 -23.41 -0.64 47.29
CA ASP A 540 -24.26 0.39 46.70
C ASP A 540 -25.65 -0.20 46.39
N HIS A 541 -25.66 -1.41 45.73
CA HIS A 541 -26.93 -2.08 45.39
C HIS A 541 -27.72 -2.31 46.68
N LEU A 542 -27.01 -2.88 47.72
CA LEU A 542 -27.69 -3.23 48.97
C LEU A 542 -28.21 -1.95 49.63
N LEU A 543 -27.31 -0.90 49.73
CA LEU A 543 -27.68 0.36 50.38
C LEU A 543 -28.95 0.95 49.74
N HIS A 544 -28.96 0.98 48.35
CA HIS A 544 -30.06 1.57 47.60
C HIS A 544 -31.31 0.70 47.72
N SER A 545 -31.17 -0.65 47.50
CA SER A 545 -32.34 -1.53 47.52
C SER A 545 -32.92 -1.64 48.93
N THR A 546 -32.02 -1.74 49.98
CA THR A 546 -32.53 -1.91 51.34
C THR A 546 -33.24 -0.63 51.83
N ARG A 547 -32.82 0.57 51.30
CA ARG A 547 -33.53 1.81 51.60
C ARG A 547 -35.00 1.69 51.12
N LYS A 548 -35.18 1.16 49.85
CA LYS A 548 -36.52 1.08 49.30
C LYS A 548 -37.31 -0.08 49.91
N GLN A 549 -36.58 -1.20 50.23
CA GLN A 549 -37.23 -2.33 50.89
C GLN A 549 -37.80 -1.91 52.25
N VAL A 550 -37.19 -0.83 52.89
CA VAL A 550 -37.81 -0.18 54.04
C VAL A 550 -39.07 0.60 53.55
N GLU A 551 -38.89 1.50 52.52
CA GLU A 551 -40.00 2.37 52.06
C GLU A 551 -41.23 1.59 51.51
N GLU A 552 -40.96 0.37 50.92
CA GLU A 552 -42.03 -0.54 50.48
C GLU A 552 -42.76 -1.22 51.67
N ALA A 553 -41.96 -1.46 52.77
CA ALA A 553 -42.44 -2.19 53.95
C ALA A 553 -43.38 -1.30 54.77
N GLY A 554 -42.85 -0.11 55.22
CA GLY A 554 -43.64 0.78 56.06
C GLY A 554 -43.97 0.15 57.42
N ASP A 555 -45.30 0.28 57.78
CA ASP A 555 -45.90 -0.13 59.05
C ASP A 555 -45.93 -1.65 59.32
N LYS A 556 -45.40 -2.42 58.33
CA LYS A 556 -45.24 -3.87 58.43
C LYS A 556 -44.00 -4.22 59.31
N LEU A 557 -43.03 -3.22 59.31
CA LEU A 557 -41.70 -3.35 59.91
C LEU A 557 -41.75 -2.72 61.32
N PRO A 558 -41.49 -3.54 62.40
CA PRO A 558 -41.49 -3.02 63.76
C PRO A 558 -40.44 -1.92 64.03
N ALA A 559 -40.66 -1.24 65.22
CA ALA A 559 -39.91 -0.04 65.54
C ALA A 559 -38.44 -0.34 65.79
N ASP A 560 -38.19 -1.48 66.52
CA ASP A 560 -36.85 -1.93 66.86
C ASP A 560 -36.11 -2.26 65.56
N ASP A 561 -36.81 -3.00 64.64
CA ASP A 561 -36.23 -3.37 63.36
C ASP A 561 -35.89 -2.08 62.61
N LYS A 562 -36.91 -1.16 62.51
CA LYS A 562 -36.73 0.09 61.79
C LYS A 562 -35.51 0.82 62.41
N THR A 563 -35.48 0.87 63.79
CA THR A 563 -34.43 1.59 64.51
C THR A 563 -33.05 0.97 64.24
N ALA A 564 -32.99 -0.41 64.34
CA ALA A 564 -31.72 -1.12 64.17
C ALA A 564 -31.25 -1.09 62.71
N ILE A 565 -32.23 -1.33 61.76
CA ILE A 565 -31.86 -1.45 60.35
C ILE A 565 -31.37 -0.08 59.86
N GLU A 566 -32.16 1.00 60.23
CA GLU A 566 -31.85 2.34 59.73
C GLU A 566 -30.48 2.82 60.28
N SER A 567 -30.10 2.28 61.49
CA SER A 567 -28.82 2.61 62.14
C SER A 567 -27.68 2.02 61.28
N ALA A 568 -27.90 0.72 60.86
CA ALA A 568 -26.89 0.00 60.09
C ALA A 568 -26.82 0.56 58.65
N LEU A 569 -28.02 0.98 58.09
CA LEU A 569 -28.07 1.63 56.79
C LEU A 569 -27.18 2.89 56.78
N THR A 570 -27.25 3.70 57.89
CA THR A 570 -26.45 4.93 57.97
C THR A 570 -24.96 4.56 57.95
N ALA A 571 -24.60 3.53 58.78
CA ALA A 571 -23.21 3.12 58.95
C ALA A 571 -22.62 2.56 57.65
N LEU A 572 -23.47 1.80 56.87
CA LEU A 572 -23.03 1.28 55.57
C LEU A 572 -22.74 2.49 54.64
N GLU A 573 -23.60 3.55 54.78
CA GLU A 573 -23.48 4.77 53.96
C GLU A 573 -22.23 5.61 54.35
N THR A 574 -21.67 5.34 55.58
CA THR A 574 -20.39 5.88 56.04
C THR A 574 -19.26 4.98 55.52
N ALA A 575 -19.39 3.62 55.75
CA ALA A 575 -18.34 2.70 55.31
C ALA A 575 -18.10 2.80 53.79
N LEU A 576 -19.24 3.02 53.02
CA LEU A 576 -19.14 3.24 51.58
C LEU A 576 -18.51 4.58 51.15
N LYS A 577 -18.11 5.44 52.17
CA LYS A 577 -17.30 6.62 51.90
C LYS A 577 -15.82 6.33 52.26
N GLY A 578 -15.54 5.03 52.61
CA GLY A 578 -14.20 4.57 52.90
C GLY A 578 -13.63 3.87 51.66
N GLU A 579 -12.28 3.65 51.69
CA GLU A 579 -11.57 2.82 50.69
C GLU A 579 -11.35 1.40 51.29
N ASP A 580 -11.98 1.20 52.50
CA ASP A 580 -11.78 0.00 53.30
C ASP A 580 -12.77 -1.06 52.82
N LYS A 581 -12.18 -2.18 52.27
CA LYS A 581 -12.99 -3.29 51.81
C LYS A 581 -13.65 -4.01 53.00
N ALA A 582 -12.84 -4.19 54.09
CA ALA A 582 -13.19 -5.13 55.13
C ALA A 582 -14.36 -4.52 55.93
N ALA A 583 -14.27 -3.16 56.12
CA ALA A 583 -15.33 -2.45 56.79
C ALA A 583 -16.64 -2.57 55.99
N ILE A 584 -16.52 -2.52 54.62
CA ILE A 584 -17.72 -2.59 53.77
C ILE A 584 -18.29 -4.01 53.86
N GLU A 585 -17.41 -5.07 53.70
CA GLU A 585 -17.90 -6.45 53.81
C GLU A 585 -18.52 -6.67 55.21
N ALA A 586 -17.84 -6.11 56.27
CA ALA A 586 -18.35 -6.23 57.63
C ALA A 586 -19.68 -5.47 57.80
N LYS A 587 -19.74 -4.18 57.31
CA LYS A 587 -20.97 -3.41 57.48
C LYS A 587 -22.15 -3.96 56.64
N MET A 588 -21.83 -4.64 55.49
CA MET A 588 -22.86 -5.34 54.74
C MET A 588 -23.43 -6.49 55.60
N GLN A 589 -22.50 -7.20 56.33
CA GLN A 589 -22.92 -8.29 57.22
C GLN A 589 -23.70 -7.69 58.40
N GLU A 590 -23.12 -6.59 59.02
CA GLU A 590 -23.78 -5.90 60.15
C GLU A 590 -25.18 -5.44 59.73
N LEU A 591 -25.33 -5.00 58.42
CA LEU A 591 -26.64 -4.69 57.86
C LEU A 591 -27.46 -5.96 57.61
N ALA A 592 -26.92 -6.93 56.80
CA ALA A 592 -27.70 -8.08 56.36
C ALA A 592 -28.25 -8.89 57.55
N GLN A 593 -27.41 -8.97 58.65
CA GLN A 593 -27.80 -9.76 59.82
C GLN A 593 -29.13 -9.28 60.42
N VAL A 594 -29.39 -7.92 60.29
CA VAL A 594 -30.57 -7.33 60.91
C VAL A 594 -31.75 -7.20 59.93
N SER A 595 -31.59 -7.76 58.69
CA SER A 595 -32.64 -7.66 57.67
C SER A 595 -33.30 -9.01 57.37
N GLN A 596 -33.27 -9.91 58.41
CA GLN A 596 -33.91 -11.22 58.33
C GLN A 596 -35.43 -11.01 58.21
N LYS A 597 -35.99 -10.12 59.12
CA LYS A 597 -37.43 -9.86 59.12
C LYS A 597 -37.80 -8.93 57.96
N LEU A 598 -36.83 -8.05 57.55
CA LEU A 598 -37.10 -7.09 56.49
C LEU A 598 -37.29 -7.91 55.20
N MET A 599 -36.33 -8.90 54.98
CA MET A 599 -36.37 -9.68 53.76
C MET A 599 -37.67 -10.49 53.67
N GLU A 600 -38.19 -10.97 54.84
CA GLU A 600 -39.45 -11.71 54.89
C GLU A 600 -40.61 -10.83 54.34
N ILE A 601 -40.49 -9.47 54.61
CA ILE A 601 -41.54 -8.54 54.19
C ILE A 601 -41.33 -8.23 52.69
N ALA A 602 -40.02 -8.00 52.30
CA ALA A 602 -39.69 -7.77 50.90
C ALA A 602 -40.00 -9.00 50.02
N GLN A 603 -39.90 -10.23 50.64
CA GLN A 603 -40.36 -11.47 50.02
C GLN A 603 -41.89 -11.40 50.05
#